data_8XR5
#
_entry.id   8XR5
#
_cell.length_a   109.171
_cell.length_b   49.090
_cell.length_c   51.849
_cell.angle_alpha   90.00
_cell.angle_beta   90.00
_cell.angle_gamma   90.00
#
_symmetry.space_group_name_H-M   'P 21 21 2'
#
loop_
_entity.id
_entity.type
_entity.pdbx_description
1 polymer 'Programmed cell death 1 ligand 1'
2 non-polymer '(2~{R})-2-[[2-(2,1,3-benzoxadiazol-5-ylmethoxy)-5-chloranyl-4-[[2-fluoranyl-3-[3-[3-(4-oxidanylpiperidin-1-yl)propoxy]phenyl]phenyl]methoxy]phenyl]methylamino]-3-oxidanyl-propanoic acid'
3 water water
#
_entity_poly.entity_id   1
_entity_poly.type   'polypeptide(L)'
_entity_poly.pdbx_seq_one_letter_code
;FTVTVPKDLYVVEYGSNMTIECKFPVEKQLDLAALIVYWEMEDKNIIQFVHGEEDLKVQHSSYRQRARLLKDQLSLGNAA
LQITDVKLQDAGVYRCMISYGGADYKRITVKVNAPYAAHHHHHHAA
;
_entity_poly.pdbx_strand_id   A,B
#
# COMPACT_ATOMS: atom_id res chain seq x y z
N PHE A 1 9.50 11.00 -9.01
CA PHE A 1 8.18 10.44 -9.32
C PHE A 1 7.17 10.65 -8.20
N THR A 2 6.03 11.25 -8.54
CA THR A 2 5.03 11.60 -7.54
C THR A 2 3.63 11.28 -8.04
N VAL A 3 2.86 10.57 -7.22
CA VAL A 3 1.43 10.42 -7.42
C VAL A 3 0.71 11.49 -6.61
N THR A 4 -0.28 12.12 -7.23
CA THR A 4 -1.09 13.14 -6.56
C THR A 4 -2.57 12.83 -6.76
N VAL A 5 -3.39 13.27 -5.83
CA VAL A 5 -4.84 13.15 -5.91
C VAL A 5 -5.42 14.55 -5.95
N PRO A 6 -6.24 14.89 -6.96
CA PRO A 6 -6.88 16.21 -6.95
C PRO A 6 -7.77 16.43 -5.74
N LYS A 7 -8.45 15.38 -5.27
CA LYS A 7 -9.19 15.45 -4.02
C LYS A 7 -8.98 14.16 -3.26
N ASP A 8 -8.70 14.28 -1.96
CA ASP A 8 -8.48 13.15 -1.08
C ASP A 8 -9.71 12.80 -0.25
N LEU A 9 -10.84 13.43 -0.53
CA LEU A 9 -12.11 13.10 0.11
C LEU A 9 -13.21 13.11 -0.93
N TYR A 10 -14.03 12.05 -0.92
CA TYR A 10 -15.21 11.96 -1.76
C TYR A 10 -16.40 11.64 -0.87
N VAL A 11 -17.50 12.35 -1.07
CA VAL A 11 -18.75 12.10 -0.36
C VAL A 11 -19.77 11.68 -1.41
N VAL A 12 -20.23 10.45 -1.33
CA VAL A 12 -21.05 9.85 -2.39
C VAL A 12 -22.32 9.27 -1.80
N GLU A 13 -23.37 9.24 -2.62
CA GLU A 13 -24.67 8.72 -2.21
C GLU A 13 -24.76 7.23 -2.51
N TYR A 14 -25.30 6.48 -1.55
CA TYR A 14 -25.61 5.08 -1.77
C TYR A 14 -26.41 4.91 -3.06
N GLY A 15 -26.00 3.92 -3.87
CA GLY A 15 -26.67 3.62 -5.12
C GLY A 15 -26.15 4.36 -6.33
N SER A 16 -25.34 5.40 -6.13
CA SER A 16 -24.79 6.16 -7.24
C SER A 16 -23.51 5.51 -7.74
N ASN A 17 -22.88 6.14 -8.73
CA ASN A 17 -21.59 5.73 -9.25
C ASN A 17 -20.54 6.74 -8.80
N MET A 18 -19.33 6.28 -8.54
CA MET A 18 -18.26 7.20 -8.16
C MET A 18 -16.99 6.89 -8.96
N THR A 19 -16.26 7.95 -9.29
CA THR A 19 -14.96 7.83 -9.95
C THR A 19 -13.94 8.60 -9.11
N ILE A 20 -12.97 7.89 -8.55
CA ILE A 20 -11.91 8.49 -7.75
C ILE A 20 -10.61 8.42 -8.54
N GLU A 21 -9.83 9.49 -8.49
CA GLU A 21 -8.77 9.72 -9.45
C GLU A 21 -7.42 9.80 -8.76
N CYS A 22 -6.38 9.31 -9.46
CA CYS A 22 -5.01 9.56 -9.04
C CYS A 22 -4.19 9.99 -10.25
N LYS A 23 -3.32 10.98 -10.05
CA LYS A 23 -2.54 11.59 -11.13
C LYS A 23 -1.10 11.11 -11.03
N PHE A 24 -0.51 10.80 -12.18
CA PHE A 24 0.93 10.53 -12.25
C PHE A 24 1.49 11.14 -13.52
N PRO A 25 2.76 11.56 -13.50
CA PRO A 25 3.32 12.26 -14.65
C PRO A 25 3.55 11.32 -15.83
N VAL A 26 3.13 11.76 -17.00
CA VAL A 26 3.33 10.93 -18.22
C VAL A 26 4.04 11.81 -19.26
N GLU A 27 4.54 12.96 -18.83
CA GLU A 27 5.20 13.90 -19.76
C GLU A 27 4.02 13.92 -20.71
N LYS A 28 4.24 13.49 -21.94
CA LYS A 28 3.20 13.68 -22.98
C LYS A 28 2.89 12.32 -23.61
N GLN A 29 3.54 11.25 -23.16
CA GLN A 29 3.27 10.01 -23.87
C GLN A 29 3.40 8.86 -22.88
N LEU A 30 2.42 7.96 -22.86
CA LEU A 30 2.44 6.83 -21.94
C LEU A 30 3.27 5.66 -22.46
N ASP A 31 4.06 5.06 -21.56
CA ASP A 31 4.79 3.82 -21.83
C ASP A 31 4.08 2.71 -21.05
N LEU A 32 3.09 2.09 -21.69
CA LEU A 32 2.29 1.07 -21.02
C LEU A 32 3.15 -0.05 -20.44
N ALA A 33 4.26 -0.36 -21.10
CA ALA A 33 5.09 -1.49 -20.66
C ALA A 33 5.61 -1.28 -19.24
N ALA A 34 5.94 -0.04 -18.89
CA ALA A 34 6.56 0.27 -17.61
C ALA A 34 5.55 0.65 -16.53
N LEU A 35 4.26 0.39 -16.76
CA LEU A 35 3.19 0.86 -15.88
C LEU A 35 2.56 -0.29 -15.12
N ILE A 36 2.45 -0.13 -13.81
CA ILE A 36 1.59 -0.95 -12.96
C ILE A 36 0.70 -0.02 -12.15
N VAL A 37 -0.60 -0.25 -12.21
CA VAL A 37 -1.58 0.50 -11.41
C VAL A 37 -2.32 -0.48 -10.53
N TYR A 38 -2.38 -0.17 -9.23
CA TYR A 38 -3.01 -1.08 -8.28
C TYR A 38 -3.89 -0.29 -7.33
N TRP A 39 -5.17 -0.65 -7.28
CA TRP A 39 -6.13 -0.04 -6.38
C TRP A 39 -6.55 -1.04 -5.32
N GLU A 40 -6.50 -0.63 -4.04
CA GLU A 40 -6.94 -1.47 -2.95
C GLU A 40 -7.69 -0.62 -1.92
N MET A 41 -8.56 -1.27 -1.15
CA MET A 41 -9.21 -0.62 -0.01
C MET A 41 -9.24 -1.61 1.14
N GLU A 42 -8.84 -1.14 2.33
CA GLU A 42 -8.54 -2.05 3.42
C GLU A 42 -7.40 -2.94 2.91
N ASP A 43 -7.59 -4.22 2.65
CA ASP A 43 -6.55 -4.91 1.88
C ASP A 43 -7.16 -5.83 0.84
N LYS A 44 -8.15 -5.32 0.12
CA LYS A 44 -8.84 -6.05 -0.94
C LYS A 44 -8.34 -5.57 -2.28
N ASN A 45 -8.01 -6.51 -3.16
CA ASN A 45 -7.60 -6.19 -4.52
C ASN A 45 -8.80 -5.65 -5.28
N ILE A 46 -8.80 -4.36 -5.59
CA ILE A 46 -9.83 -3.78 -6.47
C ILE A 46 -9.38 -3.81 -7.91
N ILE A 47 -8.16 -3.40 -8.18
CA ILE A 47 -7.68 -3.39 -9.56
C ILE A 47 -6.19 -3.63 -9.58
N GLN A 48 -5.77 -4.45 -10.53
CA GLN A 48 -4.38 -4.77 -10.79
C GLN A 48 -4.18 -4.69 -12.29
N PHE A 49 -3.53 -3.62 -12.75
CA PHE A 49 -3.30 -3.37 -14.16
C PHE A 49 -1.80 -3.46 -14.40
N VAL A 50 -1.39 -4.50 -15.10
CA VAL A 50 0.01 -4.77 -15.41
C VAL A 50 0.09 -5.17 -16.87
N HIS A 51 1.22 -4.89 -17.50
CA HIS A 51 1.40 -5.18 -18.91
C HIS A 51 0.24 -4.63 -19.73
N GLY A 52 -0.30 -3.50 -19.30
CA GLY A 52 -1.42 -2.91 -20.04
C GLY A 52 -2.64 -3.81 -20.13
N GLU A 53 -2.89 -4.61 -19.12
CA GLU A 53 -3.90 -5.62 -19.16
C GLU A 53 -4.62 -5.42 -17.83
N GLU A 54 -5.95 -5.41 -17.75
CA GLU A 54 -6.53 -5.60 -16.42
C GLU A 54 -6.44 -7.07 -16.05
N ASP A 55 -6.02 -7.32 -14.83
CA ASP A 55 -5.90 -8.68 -14.31
C ASP A 55 -7.08 -8.91 -13.37
N LEU A 56 -8.08 -9.65 -13.84
CA LEU A 56 -9.37 -9.72 -13.17
C LEU A 56 -9.55 -10.93 -12.26
N LYS A 57 -8.70 -11.95 -12.36
CA LYS A 57 -8.94 -13.18 -11.62
C LYS A 57 -8.74 -12.98 -10.12
N VAL A 58 -7.81 -12.09 -9.74
CA VAL A 58 -7.57 -11.78 -8.34
C VAL A 58 -8.46 -10.67 -7.82
N GLN A 59 -9.33 -10.12 -8.65
CA GLN A 59 -10.18 -9.03 -8.18
C GLN A 59 -11.08 -9.56 -7.06
N HIS A 60 -11.12 -8.83 -5.96
CA HIS A 60 -11.84 -9.27 -4.78
C HIS A 60 -13.35 -9.34 -5.03
N SER A 61 -13.99 -10.30 -4.37
CA SER A 61 -15.38 -10.63 -4.66
C SER A 61 -16.29 -9.41 -4.54
N SER A 62 -16.07 -8.57 -3.53
CA SER A 62 -16.96 -7.44 -3.31
C SER A 62 -16.91 -6.40 -4.42
N TYR A 63 -15.90 -6.45 -5.28
CA TYR A 63 -15.75 -5.46 -6.32
C TYR A 63 -15.88 -6.03 -7.73
N ARG A 64 -16.10 -7.34 -7.86
CA ARG A 64 -16.23 -7.95 -9.17
C ARG A 64 -17.53 -7.49 -9.83
N GLN A 65 -17.46 -7.21 -11.14
CA GLN A 65 -18.58 -6.66 -11.91
C GLN A 65 -19.02 -5.29 -11.39
N ARG A 66 -18.18 -4.61 -10.62
CA ARG A 66 -18.52 -3.28 -10.12
C ARG A 66 -17.41 -2.25 -10.22
N ALA A 67 -16.14 -2.66 -10.35
CA ALA A 67 -15.01 -1.74 -10.37
C ALA A 67 -14.24 -1.92 -11.66
N ARG A 68 -13.88 -0.80 -12.30
CA ARG A 68 -12.96 -0.86 -13.42
C ARG A 68 -12.10 0.38 -13.47
N LEU A 69 -10.95 0.24 -14.12
CA LEU A 69 -10.06 1.35 -14.39
C LEU A 69 -10.46 1.95 -15.74
N LEU A 70 -10.59 3.26 -15.78
CA LEU A 70 -10.89 3.95 -17.04
C LEU A 70 -9.58 4.08 -17.80
N LYS A 71 -9.36 3.16 -18.76
CA LYS A 71 -8.04 3.00 -19.35
C LYS A 71 -7.69 4.15 -20.27
N ASP A 72 -8.68 4.71 -20.97
CA ASP A 72 -8.41 5.78 -21.94
C ASP A 72 -7.71 6.96 -21.28
N GLN A 73 -8.02 7.25 -20.03
CA GLN A 73 -7.42 8.37 -19.33
C GLN A 73 -5.99 8.12 -18.89
N LEU A 74 -5.51 6.87 -18.98
CA LEU A 74 -4.11 6.59 -18.63
C LEU A 74 -3.16 7.44 -19.47
N SER A 75 -3.49 7.67 -20.74
CA SER A 75 -2.63 8.47 -21.60
C SER A 75 -2.42 9.87 -21.02
N LEU A 76 -3.37 10.36 -20.23
CA LEU A 76 -3.30 11.68 -19.63
C LEU A 76 -2.57 11.66 -18.30
N GLY A 77 -2.13 10.50 -17.83
CA GLY A 77 -1.56 10.38 -16.50
C GLY A 77 -2.62 10.33 -15.42
N ASN A 78 -3.74 9.67 -15.70
CA ASN A 78 -4.87 9.59 -14.78
C ASN A 78 -5.33 8.15 -14.63
N ALA A 79 -5.10 7.59 -13.44
CA ALA A 79 -5.64 6.29 -13.06
C ALA A 79 -6.94 6.57 -12.30
N ALA A 80 -8.04 6.56 -13.02
CA ALA A 80 -9.36 6.78 -12.45
C ALA A 80 -10.02 5.43 -12.22
N LEU A 81 -10.43 5.18 -10.98
CA LEU A 81 -11.17 3.98 -10.63
C LEU A 81 -12.64 4.34 -10.56
N GLN A 82 -13.47 3.64 -11.33
CA GLN A 82 -14.91 3.83 -11.30
C GLN A 82 -15.56 2.62 -10.65
N ILE A 83 -16.42 2.89 -9.67
CA ILE A 83 -17.18 1.89 -8.95
C ILE A 83 -18.66 2.21 -9.13
N THR A 84 -19.42 1.23 -9.58
CA THR A 84 -20.84 1.41 -9.88
C THR A 84 -21.68 0.89 -8.71
N ASP A 85 -22.79 1.58 -8.45
CA ASP A 85 -23.76 1.13 -7.46
C ASP A 85 -23.11 1.05 -6.07
N VAL A 86 -22.67 2.21 -5.59
CA VAL A 86 -21.93 2.28 -4.34
C VAL A 86 -22.77 1.75 -3.19
N LYS A 87 -22.13 0.94 -2.34
CA LYS A 87 -22.72 0.38 -1.13
C LYS A 87 -22.14 1.09 0.09
N LEU A 88 -22.77 0.87 1.24
CA LEU A 88 -22.20 1.41 2.47
C LEU A 88 -20.84 0.77 2.77
N GLN A 89 -20.65 -0.49 2.37
CA GLN A 89 -19.37 -1.15 2.60
C GLN A 89 -18.26 -0.59 1.72
N ASP A 90 -18.58 0.25 0.73
CA ASP A 90 -17.56 0.92 -0.06
C ASP A 90 -16.91 2.08 0.66
N ALA A 91 -17.46 2.51 1.79
CA ALA A 91 -16.85 3.56 2.58
C ALA A 91 -15.55 3.08 3.20
N GLY A 92 -14.55 3.94 3.22
CA GLY A 92 -13.27 3.59 3.79
C GLY A 92 -12.16 4.34 3.09
N VAL A 93 -10.93 3.86 3.32
CA VAL A 93 -9.74 4.51 2.79
C VAL A 93 -9.20 3.66 1.65
N TYR A 94 -9.16 4.26 0.46
CA TYR A 94 -8.64 3.63 -0.74
C TYR A 94 -7.20 4.07 -0.93
N ARG A 95 -6.39 3.19 -1.52
CA ARG A 95 -5.02 3.49 -1.92
C ARG A 95 -4.83 3.20 -3.39
N CYS A 96 -4.24 4.18 -4.07
CA CYS A 96 -3.81 4.04 -5.45
C CYS A 96 -2.30 3.95 -5.45
N MET A 97 -1.77 2.86 -6.00
CA MET A 97 -0.35 2.53 -5.95
C MET A 97 0.12 2.39 -7.38
N ILE A 98 1.10 3.20 -7.77
CA ILE A 98 1.51 3.26 -9.15
C ILE A 98 3.03 3.09 -9.22
N SER A 99 3.46 2.13 -10.04
CA SER A 99 4.84 1.98 -10.46
C SER A 99 4.95 2.41 -11.91
N TYR A 100 5.71 3.47 -12.15
CA TYR A 100 5.96 3.95 -13.51
C TYR A 100 7.37 4.53 -13.46
N GLY A 101 8.36 3.69 -13.71
CA GLY A 101 9.69 4.09 -13.33
C GLY A 101 9.78 3.97 -11.83
N GLY A 102 9.64 5.11 -11.14
CA GLY A 102 9.54 5.13 -9.70
C GLY A 102 8.26 4.48 -9.21
N ALA A 103 7.99 4.69 -7.92
CA ALA A 103 6.78 4.13 -7.31
C ALA A 103 6.26 5.08 -6.25
N ASP A 104 4.94 5.10 -6.10
CA ASP A 104 4.30 5.99 -5.14
C ASP A 104 2.88 5.51 -4.91
N TYR A 105 2.25 5.99 -3.85
CA TYR A 105 0.83 5.75 -3.65
C TYR A 105 0.21 6.91 -2.89
N LYS A 106 -1.11 7.03 -3.02
CA LYS A 106 -1.86 8.04 -2.30
C LYS A 106 -3.13 7.46 -1.71
N ARG A 107 -3.59 8.09 -0.63
CA ARG A 107 -4.79 7.71 0.11
C ARG A 107 -5.96 8.61 -0.27
N ILE A 108 -7.15 8.01 -0.37
CA ILE A 108 -8.39 8.73 -0.65
C ILE A 108 -9.46 8.21 0.31
N THR A 109 -10.09 9.12 1.07
CA THR A 109 -11.18 8.74 1.95
C THR A 109 -12.50 8.83 1.20
N VAL A 110 -13.30 7.77 1.28
CA VAL A 110 -14.64 7.71 0.69
C VAL A 110 -15.64 7.58 1.83
N LYS A 111 -16.58 8.52 1.89
CA LYS A 111 -17.68 8.50 2.83
C LYS A 111 -18.97 8.29 2.05
N VAL A 112 -19.88 7.49 2.60
CA VAL A 112 -21.12 7.13 1.91
C VAL A 112 -22.31 7.59 2.74
N ASN A 113 -23.14 8.45 2.15
CA ASN A 113 -24.45 8.75 2.71
C ASN A 113 -25.46 7.70 2.24
N ALA A 114 -26.37 7.32 3.12
CA ALA A 114 -27.39 6.35 2.77
C ALA A 114 -28.65 6.62 3.57
N PRO A 115 -29.82 6.42 2.98
CA PRO A 115 -31.08 6.57 3.73
C PRO A 115 -31.25 5.48 4.77
N TYR A 116 -32.24 5.70 5.65
CA TYR A 116 -32.49 4.78 6.75
C TYR A 116 -32.56 3.32 6.32
N ALA A 117 -33.33 3.02 5.27
CA ALA A 117 -33.56 1.61 4.93
C ALA A 117 -32.24 0.89 4.61
N ALA A 118 -31.40 1.53 3.80
CA ALA A 118 -30.12 0.91 3.45
C ALA A 118 -29.24 0.75 4.68
N HIS A 119 -29.07 1.82 5.45
CA HIS A 119 -28.28 1.75 6.67
C HIS A 119 -28.80 0.64 7.58
N HIS A 120 -30.12 0.47 7.58
CA HIS A 120 -30.77 -0.52 8.42
C HIS A 120 -30.33 -1.91 8.00
N HIS A 121 -30.32 -2.18 6.69
CA HIS A 121 -29.83 -3.46 6.21
C HIS A 121 -28.36 -3.65 6.58
N HIS A 122 -27.58 -2.56 6.50
CA HIS A 122 -26.16 -2.61 6.85
C HIS A 122 -25.97 -2.84 8.34
N HIS A 123 -26.91 -2.35 9.16
CA HIS A 123 -26.81 -2.48 10.61
C HIS A 123 -27.06 -3.92 11.04
N HIS A 124 -28.01 -4.59 10.39
CA HIS A 124 -28.26 -6.00 10.69
C HIS A 124 -27.22 -6.93 10.09
N ALA A 125 -26.69 -6.61 8.91
CA ALA A 125 -25.69 -7.46 8.30
C ALA A 125 -24.44 -7.54 9.19
N ALA A 126 -23.85 -6.40 9.50
CA ALA A 126 -22.69 -6.33 10.37
C ALA A 126 -23.10 -6.56 11.82
N PHE B 1 5.58 -11.90 -10.16
CA PHE B 1 6.41 -11.31 -9.12
C PHE B 1 5.71 -11.41 -7.77
N THR B 2 6.38 -11.98 -6.78
CA THR B 2 5.76 -12.23 -5.48
C THR B 2 6.67 -11.82 -4.34
N VAL B 3 6.13 -11.04 -3.42
CA VAL B 3 6.75 -10.78 -2.14
C VAL B 3 6.18 -11.80 -1.15
N THR B 4 7.06 -12.39 -0.34
CA THR B 4 6.64 -13.36 0.67
C THR B 4 7.22 -12.97 2.02
N VAL B 5 6.48 -13.32 3.06
CA VAL B 5 6.93 -13.14 4.45
C VAL B 5 6.97 -14.50 5.11
N PRO B 6 8.11 -14.93 5.67
CA PRO B 6 8.11 -16.18 6.43
C PRO B 6 7.21 -16.13 7.66
N LYS B 7 7.10 -14.98 8.30
CA LYS B 7 6.21 -14.78 9.44
C LYS B 7 5.38 -13.53 9.21
N ASP B 8 4.07 -13.66 9.39
CA ASP B 8 3.18 -12.50 9.32
C ASP B 8 2.75 -12.05 10.70
N LEU B 9 3.32 -12.65 11.75
CA LEU B 9 3.06 -12.23 13.12
C LEU B 9 4.35 -12.26 13.92
N TYR B 10 4.61 -11.18 14.65
CA TYR B 10 5.73 -11.06 15.57
C TYR B 10 5.22 -10.59 16.92
N VAL B 11 5.68 -11.22 17.99
CA VAL B 11 5.34 -10.80 19.35
C VAL B 11 6.66 -10.39 20.00
N VAL B 12 6.79 -9.09 20.30
CA VAL B 12 8.07 -8.55 20.75
C VAL B 12 7.87 -7.81 22.06
N GLU B 13 8.93 -7.76 22.85
CA GLU B 13 8.92 -7.13 24.16
C GLU B 13 9.34 -5.67 24.03
N TYR B 14 8.62 -4.79 24.73
CA TYR B 14 9.04 -3.40 24.83
C TYR B 14 10.51 -3.31 25.20
N GLY B 15 11.24 -2.45 24.50
CA GLY B 15 12.64 -2.24 24.78
C GLY B 15 13.60 -3.13 24.01
N SER B 16 13.10 -4.19 23.36
CA SER B 16 13.96 -5.07 22.59
C SER B 16 14.16 -4.53 21.18
N ASN B 17 14.94 -5.27 20.39
CA ASN B 17 15.09 -4.99 18.98
C ASN B 17 14.33 -6.05 18.21
N MET B 18 13.73 -5.66 17.09
CA MET B 18 13.00 -6.63 16.28
C MET B 18 13.42 -6.49 14.83
N THR B 19 13.51 -7.62 14.16
CA THR B 19 13.81 -7.67 12.73
C THR B 19 12.67 -8.43 12.07
N ILE B 20 11.90 -7.74 11.24
CA ILE B 20 10.82 -8.36 10.50
C ILE B 20 11.26 -8.45 9.05
N GLU B 21 10.99 -9.59 8.45
CA GLU B 21 11.63 -9.98 7.20
C GLU B 21 10.57 -10.18 6.13
N CYS B 22 10.88 -9.73 4.91
CA CYS B 22 10.08 -10.11 3.76
C CYS B 22 11.00 -10.33 2.57
N LYS B 23 10.67 -11.36 1.79
CA LYS B 23 11.49 -11.87 0.71
C LYS B 23 10.92 -11.44 -0.65
N PHE B 24 11.81 -11.19 -1.60
CA PHE B 24 11.42 -11.03 -2.98
C PHE B 24 12.40 -11.79 -3.85
N PRO B 25 11.95 -12.29 -5.00
CA PRO B 25 12.82 -13.16 -5.81
C PRO B 25 13.94 -12.38 -6.49
N VAL B 26 15.15 -12.90 -6.41
CA VAL B 26 16.30 -12.36 -7.11
C VAL B 26 16.92 -13.51 -7.90
N GLU B 27 16.75 -13.49 -9.22
CA GLU B 27 17.23 -14.59 -10.05
C GLU B 27 18.73 -14.46 -10.33
N LYS B 28 19.10 -13.42 -11.06
CA LYS B 28 20.48 -13.11 -11.36
C LYS B 28 21.02 -12.19 -10.27
N GLN B 29 22.17 -11.58 -10.52
CA GLN B 29 22.68 -10.54 -9.63
C GLN B 29 21.63 -9.48 -9.37
N LEU B 30 21.61 -8.95 -8.14
CA LEU B 30 20.66 -7.91 -7.81
C LEU B 30 20.95 -6.67 -8.64
N ASP B 31 19.90 -6.06 -9.16
CA ASP B 31 19.99 -4.83 -9.94
C ASP B 31 19.49 -3.68 -9.07
N LEU B 32 20.42 -3.07 -8.33
CA LEU B 32 20.06 -2.01 -7.38
C LEU B 32 19.27 -0.90 -8.05
N ALA B 33 19.56 -0.61 -9.32
CA ALA B 33 18.88 0.50 -10.00
C ALA B 33 17.37 0.26 -10.07
N ALA B 34 16.96 -0.98 -10.27
CA ALA B 34 15.55 -1.32 -10.48
C ALA B 34 14.83 -1.69 -9.19
N LEU B 35 15.43 -1.45 -8.03
CA LEU B 35 14.87 -1.90 -6.75
C LEU B 35 14.36 -0.72 -5.96
N ILE B 36 13.12 -0.81 -5.50
CA ILE B 36 12.57 0.09 -4.50
C ILE B 36 11.97 -0.75 -3.39
N VAL B 37 12.37 -0.46 -2.15
CA VAL B 37 11.82 -1.10 -0.97
C VAL B 37 11.22 -0.02 -0.08
N TYR B 38 10.00 -0.23 0.38
CA TYR B 38 9.31 0.76 1.18
C TYR B 38 8.62 0.07 2.34
N TRP B 39 8.94 0.50 3.55
CA TRP B 39 8.32 -0.01 4.78
C TRP B 39 7.47 1.08 5.41
N GLU B 40 6.22 0.71 5.71
CA GLU B 40 5.29 1.62 6.37
C GLU B 40 4.46 0.85 7.39
N MET B 41 3.94 1.56 8.39
CA MET B 41 3.01 0.98 9.37
C MET B 41 1.86 1.95 9.57
N GLU B 42 0.63 1.42 9.51
CA GLU B 42 -0.53 2.29 9.46
C GLU B 42 -0.33 3.21 8.26
N ASP B 43 -0.06 4.49 8.43
CA ASP B 43 0.40 5.25 7.28
C ASP B 43 1.58 6.15 7.64
N LYS B 44 2.55 5.56 8.34
CA LYS B 44 3.80 6.20 8.70
C LYS B 44 4.91 5.61 7.83
N ASN B 45 5.70 6.46 7.18
CA ASN B 45 6.87 5.98 6.47
C ASN B 45 7.94 5.55 7.46
N ILE B 46 8.28 4.27 7.46
CA ILE B 46 9.41 3.82 8.26
C ILE B 46 10.70 3.88 7.47
N ILE B 47 10.74 3.37 6.25
CA ILE B 47 11.99 3.40 5.49
C ILE B 47 11.70 3.35 4.00
N GLN B 48 12.52 4.06 3.23
CA GLN B 48 12.43 4.09 1.77
C GLN B 48 13.81 3.93 1.17
N PHE B 49 14.02 2.82 0.46
CA PHE B 49 15.28 2.52 -0.22
C PHE B 49 15.00 2.63 -1.72
N VAL B 50 15.52 3.70 -2.32
CA VAL B 50 15.38 4.00 -3.73
C VAL B 50 16.74 4.51 -4.21
N HIS B 51 17.01 4.38 -5.50
CA HIS B 51 18.31 4.80 -6.06
C HIS B 51 19.47 4.17 -5.29
N GLY B 52 19.25 2.94 -4.84
CA GLY B 52 20.23 2.23 -4.06
C GLY B 52 20.62 2.95 -2.79
N GLU B 53 19.78 3.87 -2.33
CA GLU B 53 20.10 4.49 -1.01
C GLU B 53 18.84 4.80 -0.21
N GLU B 54 18.97 4.79 1.11
CA GLU B 54 17.81 5.10 1.98
C GLU B 54 17.47 6.59 1.86
N ASP B 55 16.18 6.92 1.83
CA ASP B 55 15.72 8.33 1.76
C ASP B 55 15.08 8.68 3.09
N LEU B 56 15.78 9.39 3.95
CA LEU B 56 15.28 9.67 5.29
C LEU B 56 14.35 10.88 5.36
N LYS B 57 14.27 11.70 4.31
CA LYS B 57 13.59 12.98 4.44
C LYS B 57 12.07 12.81 4.61
N VAL B 58 11.47 11.75 4.08
CA VAL B 58 10.06 11.49 4.32
C VAL B 58 9.81 10.61 5.55
N GLN B 59 10.86 10.18 6.24
CA GLN B 59 10.71 9.24 7.35
C GLN B 59 9.91 9.84 8.51
N HIS B 60 8.96 9.05 9.01
CA HIS B 60 8.08 9.48 10.08
C HIS B 60 8.87 9.68 11.37
N SER B 61 8.52 10.74 12.12
CA SER B 61 9.35 11.15 13.24
C SER B 61 9.49 10.05 14.28
N SER B 62 8.43 9.28 14.53
CA SER B 62 8.46 8.28 15.60
C SER B 62 9.46 7.16 15.33
N TYR B 63 9.95 7.05 14.10
CA TYR B 63 10.88 6.01 13.71
C TYR B 63 12.27 6.55 13.44
N ARG B 64 12.49 7.83 13.73
CA ARG B 64 13.81 8.44 13.43
C ARG B 64 14.87 7.88 14.38
N GLN B 65 16.04 7.54 13.85
CA GLN B 65 17.17 7.02 14.67
C GLN B 65 16.85 5.61 15.21
N ARG B 66 15.85 4.92 14.65
CA ARG B 66 15.46 3.59 15.24
C ARG B 66 15.24 2.55 14.15
N ALA B 67 15.13 2.95 12.89
CA ALA B 67 14.83 1.99 11.85
C ALA B 67 15.98 1.92 10.85
N ARG B 68 16.33 0.71 10.44
CA ARG B 68 17.28 0.56 9.36
C ARG B 68 16.92 -0.64 8.50
N LEU B 69 17.32 -0.57 7.23
CA LEU B 69 17.17 -1.67 6.30
C LEU B 69 18.47 -2.46 6.27
N LEU B 70 18.38 -3.79 6.34
CA LEU B 70 19.56 -4.64 6.27
C LEU B 70 19.98 -4.78 4.82
N LYS B 71 20.96 -3.98 4.41
CA LYS B 71 21.27 -3.82 2.98
C LYS B 71 22.00 -5.03 2.41
N ASP B 72 22.88 -5.66 3.17
CA ASP B 72 23.64 -6.77 2.63
C ASP B 72 22.71 -7.88 2.15
N GLN B 73 21.59 -8.07 2.85
CA GLN B 73 20.68 -9.17 2.55
C GLN B 73 19.83 -8.92 1.30
N LEU B 74 19.81 -7.70 0.77
CA LEU B 74 19.02 -7.43 -0.43
C LEU B 74 19.42 -8.37 -1.55
N SER B 75 20.72 -8.60 -1.69
CA SER B 75 21.25 -9.50 -2.72
C SER B 75 20.71 -10.90 -2.61
N LEU B 76 20.33 -11.31 -1.41
CA LEU B 76 19.76 -12.63 -1.20
C LEU B 76 18.25 -12.65 -1.39
N GLY B 77 17.65 -11.50 -1.71
CA GLY B 77 16.21 -11.39 -1.81
C GLY B 77 15.51 -11.21 -0.48
N ASN B 78 16.11 -10.46 0.44
CA ASN B 78 15.55 -10.25 1.77
C ASN B 78 15.63 -8.77 2.11
N ALA B 79 14.47 -8.10 2.12
CA ALA B 79 14.37 -6.72 2.59
C ALA B 79 13.92 -6.77 4.05
N ALA B 80 14.90 -6.83 4.95
CA ALA B 80 14.62 -6.95 6.38
C ALA B 80 14.64 -5.58 7.03
N LEU B 81 13.58 -5.28 7.78
CA LEU B 81 13.49 -4.05 8.56
C LEU B 81 13.88 -4.35 9.99
N GLN B 82 14.87 -3.62 10.51
CA GLN B 82 15.27 -3.72 11.89
C GLN B 82 14.85 -2.45 12.62
N ILE B 83 14.17 -2.62 13.75
CA ILE B 83 13.74 -1.52 14.60
C ILE B 83 14.32 -1.73 15.98
N THR B 84 15.02 -0.72 16.48
CA THR B 84 15.72 -0.79 17.76
C THR B 84 14.88 -0.11 18.84
N ASP B 85 14.92 -0.66 20.04
CA ASP B 85 14.26 -0.04 21.19
C ASP B 85 12.75 0.06 20.95
N VAL B 86 12.13 -1.11 20.79
CA VAL B 86 10.72 -1.18 20.42
C VAL B 86 9.86 -0.47 21.44
N LYS B 87 8.92 0.33 20.96
CA LYS B 87 7.96 1.06 21.77
C LYS B 87 6.57 0.44 21.62
N LEU B 88 5.67 0.84 22.52
CA LEU B 88 4.29 0.37 22.41
C LEU B 88 3.61 0.89 21.14
N GLN B 89 3.98 2.09 20.70
CA GLN B 89 3.41 2.65 19.47
C GLN B 89 3.87 1.92 18.23
N ASP B 90 4.86 1.02 18.35
CA ASP B 90 5.30 0.22 17.22
C ASP B 90 4.36 -0.94 16.92
N ALA B 91 3.41 -1.24 17.81
CA ALA B 91 2.43 -2.28 17.54
C ALA B 91 1.49 -1.85 16.43
N GLY B 92 1.15 -2.78 15.55
CA GLY B 92 0.26 -2.48 14.46
C GLY B 92 0.57 -3.36 13.26
N VAL B 93 0.05 -2.94 12.11
CA VAL B 93 0.17 -3.70 10.87
C VAL B 93 1.18 -2.99 9.99
N TYR B 94 2.26 -3.69 9.67
CA TYR B 94 3.32 -3.21 8.81
C TYR B 94 3.09 -3.73 7.40
N ARG B 95 3.50 -2.92 6.43
CA ARG B 95 3.47 -3.34 5.04
C ARG B 95 4.86 -3.14 4.46
N CYS B 96 5.37 -4.19 3.82
CA CYS B 96 6.61 -4.11 3.06
C CYS B 96 6.22 -4.17 1.60
N MET B 97 6.65 -3.14 0.86
CA MET B 97 6.24 -2.89 -0.52
C MET B 97 7.50 -2.88 -1.37
N ILE B 98 7.53 -3.73 -2.39
CA ILE B 98 8.74 -3.89 -3.18
C ILE B 98 8.38 -3.76 -4.65
N SER B 99 9.09 -2.85 -5.34
CA SER B 99 9.10 -2.77 -6.79
C SER B 99 10.45 -3.28 -7.29
N TYR B 100 10.42 -4.38 -8.03
CA TYR B 100 11.63 -4.96 -8.64
C TYR B 100 11.15 -5.63 -9.92
N GLY B 101 11.14 -4.88 -11.02
CA GLY B 101 10.39 -5.38 -12.14
C GLY B 101 8.93 -5.18 -11.81
N GLY B 102 8.27 -6.26 -11.39
CA GLY B 102 6.92 -6.18 -10.89
C GLY B 102 6.84 -5.41 -9.59
N ALA B 103 5.68 -5.51 -8.95
CA ALA B 103 5.45 -4.85 -7.68
C ALA B 103 4.52 -5.70 -6.83
N ASP B 104 4.75 -5.65 -5.51
CA ASP B 104 3.95 -6.44 -4.59
C ASP B 104 4.16 -5.91 -3.19
N TYR B 105 3.26 -6.29 -2.27
CA TYR B 105 3.49 -5.97 -0.87
C TYR B 105 2.86 -7.03 0.00
N LYS B 106 3.35 -7.13 1.23
CA LYS B 106 2.82 -8.05 2.21
C LYS B 106 2.65 -7.35 3.55
N ARG B 107 1.71 -7.89 4.34
CA ARG B 107 1.36 -7.40 5.66
C ARG B 107 2.01 -8.24 6.75
N ILE B 108 2.44 -7.59 7.82
CA ILE B 108 3.03 -8.24 8.99
C ILE B 108 2.42 -7.62 10.24
N THR B 109 1.83 -8.43 11.11
CA THR B 109 1.29 -7.94 12.36
C THR B 109 2.35 -7.97 13.45
N VAL B 110 2.53 -6.85 14.14
CA VAL B 110 3.45 -6.75 15.26
C VAL B 110 2.65 -6.43 16.52
N LYS B 111 2.79 -7.28 17.54
CA LYS B 111 2.21 -7.06 18.85
C LYS B 111 3.34 -6.81 19.85
N VAL B 112 3.13 -5.88 20.77
CA VAL B 112 4.16 -5.47 21.72
C VAL B 112 3.67 -5.75 23.14
N ASN B 113 4.41 -6.57 23.87
CA ASN B 113 4.23 -6.72 25.31
C ASN B 113 5.04 -5.64 26.04
N ALA B 114 4.46 -5.09 27.11
CA ALA B 114 5.16 -4.07 27.88
C ALA B 114 4.74 -4.13 29.34
N PRO B 115 5.67 -3.84 30.26
CA PRO B 115 5.32 -3.82 31.69
C PRO B 115 4.41 -2.64 32.03
N TYR B 116 3.85 -2.72 33.25
CA TYR B 116 2.95 -1.68 33.74
C TYR B 116 3.53 -0.29 33.57
N ALA B 117 4.79 -0.09 33.98
CA ALA B 117 5.35 1.26 33.97
C ALA B 117 5.35 1.86 32.57
N ALA B 118 5.75 1.07 31.57
CA ALA B 118 5.75 1.56 30.19
C ALA B 118 4.33 1.83 29.71
N HIS B 119 3.42 0.86 29.88
CA HIS B 119 2.03 1.05 29.46
C HIS B 119 1.42 2.29 30.08
N HIS B 120 1.81 2.60 31.32
CA HIS B 120 1.25 3.73 32.05
C HIS B 120 1.57 5.05 31.37
N HIS B 121 2.83 5.25 30.98
CA HIS B 121 3.27 6.47 30.32
C HIS B 121 2.59 6.68 28.98
#